data_1EYE
#
_entry.id   1EYE
#
_cell.length_a   62.900
_cell.length_b   62.900
_cell.length_c   121.400
_cell.angle_alpha   90.00
_cell.angle_beta   90.00
_cell.angle_gamma   120.00
#
_symmetry.space_group_name_H-M   'P 32 2 1'
#
loop_
_entity.id
_entity.type
_entity.pdbx_description
1 polymer 'DIHYDROPTEROATE SYNTHASE I'
2 non-polymer 'MAGNESIUM ION'
3 non-polymer PTERIN-6-YL-METHYL-MONOPHOSPHATE
4 water water
#
_entity_poly.entity_id   1
_entity_poly.type   'polypeptide(L)'
_entity_poly.pdbx_seq_one_letter_code
;MSPAPVQVMGVLNVTDDSFSDGGCYLDLDDAVKHGLAMAAAGAGIVDVGGESSRPGATRVDPAVETSRVIPVVKELAAQG
ITVSIDTMRADVARAALQNGAQMVNDVSGGRADPAMGPLLAEADVPWVLMHWRAVSADTPHVPVRYGNVVAEVRADLLAS
VADAVAAGVDPARLVLDPGLGFAKTAQHNWAILHALPELVATGIPVLVGASRKRFLGALLAGPDGVMRPTDGRDTATAVI
SALAALHGAWGVRVHDVRASVDAIKVVEAWMGAERIERDG
;
_entity_poly.pdbx_strand_id   A
#
loop_
_chem_comp.id
_chem_comp.type
_chem_comp.name
_chem_comp.formula
MG non-polymer 'MAGNESIUM ION' 'Mg 2'
PMM non-polymer PTERIN-6-YL-METHYL-MONOPHOSPHATE 'C7 H8 N5 O5 P'
#
# COMPACT_ATOMS: atom_id res chain seq x y z
N PRO A 5 -2.47 -15.49 8.31
CA PRO A 5 -1.19 -14.92 7.90
C PRO A 5 -1.40 -13.56 7.21
N VAL A 6 -0.56 -12.61 7.55
CA VAL A 6 -0.64 -11.25 7.04
C VAL A 6 0.62 -10.94 6.26
N GLN A 7 0.46 -10.45 5.06
CA GLN A 7 1.61 -10.13 4.23
C GLN A 7 2.23 -8.81 4.64
N VAL A 8 3.54 -8.75 4.63
CA VAL A 8 4.22 -7.52 4.97
C VAL A 8 4.85 -7.00 3.70
N MET A 9 4.39 -5.81 3.28
CA MET A 9 4.88 -5.17 2.08
C MET A 9 5.76 -3.99 2.50
N GLY A 10 7.04 -4.11 2.24
CA GLY A 10 7.97 -3.05 2.62
C GLY A 10 8.11 -2.02 1.54
N VAL A 11 8.09 -0.76 1.95
CA VAL A 11 8.17 0.40 1.07
C VAL A 11 9.58 0.78 0.64
N LEU A 12 9.78 0.89 -0.68
CA LEU A 12 11.07 1.29 -1.20
C LEU A 12 10.86 2.45 -2.17
N ASN A 13 10.99 3.65 -1.62
CA ASN A 13 10.78 4.87 -2.40
C ASN A 13 12.04 5.17 -3.15
N VAL A 14 11.95 5.05 -4.45
CA VAL A 14 13.16 5.28 -5.22
C VAL A 14 13.25 6.72 -5.74
N THR A 15 12.33 7.55 -5.28
CA THR A 15 12.35 8.95 -5.68
C THR A 15 13.16 9.75 -4.70
N ASP A 16 13.37 10.99 -5.03
CA ASP A 16 14.06 11.80 -4.08
C ASP A 16 12.91 12.71 -3.74
N ASP A 17 12.65 12.90 -2.49
CA ASP A 17 11.50 13.70 -2.12
C ASP A 17 11.69 14.26 -0.73
N SER A 18 11.75 15.58 -0.66
CA SER A 18 11.94 16.29 0.59
C SER A 18 10.95 15.93 1.69
N PHE A 19 9.72 15.68 1.28
CA PHE A 19 8.66 15.38 2.20
C PHE A 19 8.47 13.90 2.42
N SER A 20 9.38 13.08 1.94
CA SER A 20 9.19 11.63 2.07
C SER A 20 8.81 11.11 3.45
N ASP A 21 7.95 10.09 3.43
CA ASP A 21 7.51 9.39 4.64
C ASP A 21 8.58 8.36 4.99
N GLY A 22 9.43 7.99 4.06
CA GLY A 22 10.34 7.00 4.50
C GLY A 22 11.42 6.62 3.54
N GLY A 23 12.57 7.24 3.81
CA GLY A 23 13.81 7.07 3.07
C GLY A 23 13.69 7.22 1.56
N CYS A 24 14.74 7.84 1.01
CA CYS A 24 14.84 8.08 -0.41
C CYS A 24 16.00 7.28 -0.96
N TYR A 25 15.70 6.19 -1.63
CA TYR A 25 16.79 5.42 -2.18
C TYR A 25 16.92 5.60 -3.68
N LEU A 26 17.20 6.83 -4.08
CA LEU A 26 17.40 7.16 -5.48
C LEU A 26 18.60 6.38 -6.02
N ASP A 27 19.66 6.29 -5.20
CA ASP A 27 20.88 5.58 -5.54
C ASP A 27 20.61 4.10 -5.72
N LEU A 28 20.82 3.59 -6.93
CA LEU A 28 20.58 2.18 -7.19
C LEU A 28 21.01 1.21 -6.08
N ASP A 29 22.27 1.27 -5.73
CA ASP A 29 22.76 0.34 -4.74
C ASP A 29 22.20 0.49 -3.33
N ASP A 30 21.90 1.69 -2.90
CA ASP A 30 21.35 1.85 -1.56
C ASP A 30 19.96 1.24 -1.55
N ALA A 31 19.27 1.54 -2.62
CA ALA A 31 17.91 1.08 -2.81
C ALA A 31 17.88 -0.44 -2.73
N VAL A 32 18.70 -1.06 -3.58
CA VAL A 32 18.76 -2.51 -3.59
C VAL A 32 19.07 -3.03 -2.19
N LYS A 33 20.08 -2.42 -1.58
CA LYS A 33 20.47 -2.82 -0.24
C LYS A 33 19.27 -2.77 0.72
N HIS A 34 18.51 -1.67 0.59
CA HIS A 34 17.35 -1.45 1.41
C HIS A 34 16.27 -2.52 1.17
N GLY A 35 16.03 -2.83 -0.10
CA GLY A 35 15.03 -3.83 -0.44
C GLY A 35 15.37 -5.18 0.19
N LEU A 36 16.62 -5.56 0.01
CA LEU A 36 17.13 -6.82 0.54
C LEU A 36 16.98 -6.88 2.07
N ALA A 37 17.32 -5.77 2.72
CA ALA A 37 17.24 -5.72 4.18
C ALA A 37 15.81 -5.93 4.64
N MET A 38 14.86 -5.29 3.91
CA MET A 38 13.45 -5.46 4.19
C MET A 38 13.04 -6.92 4.01
N ALA A 39 13.47 -7.57 2.93
CA ALA A 39 13.09 -8.96 2.80
C ALA A 39 13.69 -9.74 3.96
N ALA A 40 14.93 -9.43 4.27
CA ALA A 40 15.60 -10.11 5.37
C ALA A 40 14.81 -9.94 6.67
N ALA A 41 14.28 -8.73 6.89
CA ALA A 41 13.49 -8.47 8.08
C ALA A 41 12.14 -9.16 8.06
N GLY A 42 11.73 -9.83 6.98
CA GLY A 42 10.44 -10.48 6.99
C GLY A 42 9.39 -9.97 5.98
N ALA A 43 9.71 -8.92 5.21
CA ALA A 43 8.75 -8.41 4.22
C ALA A 43 8.58 -9.45 3.13
N GLY A 44 7.36 -9.90 2.86
CA GLY A 44 7.23 -10.91 1.78
C GLY A 44 7.11 -10.24 0.40
N ILE A 45 6.91 -8.94 0.40
CA ILE A 45 6.81 -8.16 -0.84
C ILE A 45 7.59 -6.86 -0.66
N VAL A 46 8.32 -6.43 -1.70
CA VAL A 46 9.02 -5.13 -1.64
C VAL A 46 8.36 -4.26 -2.71
N ASP A 47 7.69 -3.18 -2.27
CA ASP A 47 6.97 -2.25 -3.14
C ASP A 47 7.88 -1.09 -3.58
N VAL A 48 8.31 -1.13 -4.86
CA VAL A 48 9.21 -0.13 -5.41
C VAL A 48 8.39 0.98 -6.05
N GLY A 49 8.63 2.23 -5.65
CA GLY A 49 7.86 3.31 -6.22
C GLY A 49 8.79 4.44 -6.64
N GLY A 50 8.57 5.01 -7.85
CA GLY A 50 9.38 6.13 -8.36
C GLY A 50 8.52 7.33 -8.78
N GLU A 65 10.80 8.13 -14.47
CA GLU A 65 10.19 7.13 -13.62
C GLU A 65 10.76 5.76 -13.92
N THR A 66 10.65 5.27 -15.15
CA THR A 66 11.19 3.96 -15.45
C THR A 66 12.69 3.83 -15.23
N SER A 67 13.42 4.86 -15.62
CA SER A 67 14.85 4.89 -15.47
C SER A 67 15.26 4.70 -14.03
N ARG A 68 14.44 5.17 -13.11
CA ARG A 68 14.82 5.02 -11.71
C ARG A 68 14.41 3.68 -11.11
N VAL A 69 13.17 3.28 -11.34
CA VAL A 69 12.67 2.05 -10.75
C VAL A 69 13.10 0.75 -11.39
N ILE A 70 13.20 0.78 -12.71
CA ILE A 70 13.53 -0.47 -13.38
C ILE A 70 14.74 -1.25 -12.89
N PRO A 71 15.84 -0.56 -12.76
CA PRO A 71 17.04 -1.20 -12.32
C PRO A 71 16.93 -1.77 -10.91
N VAL A 72 16.09 -1.14 -10.07
CA VAL A 72 15.92 -1.63 -8.72
C VAL A 72 15.04 -2.87 -8.78
N VAL A 73 13.97 -2.74 -9.51
CA VAL A 73 13.08 -3.87 -9.68
C VAL A 73 13.84 -5.08 -10.22
N LYS A 74 14.67 -4.85 -11.27
CA LYS A 74 15.43 -5.91 -11.88
C LYS A 74 16.37 -6.65 -10.93
N GLU A 75 17.16 -5.93 -10.18
CA GLU A 75 18.06 -6.59 -9.25
C GLU A 75 17.33 -7.30 -8.13
N LEU A 76 16.33 -6.65 -7.55
CA LEU A 76 15.59 -7.30 -6.49
C LEU A 76 14.99 -8.59 -6.98
N ALA A 77 14.32 -8.52 -8.13
CA ALA A 77 13.69 -9.71 -8.71
C ALA A 77 14.77 -10.77 -8.97
N ALA A 78 15.95 -10.34 -9.38
CA ALA A 78 17.04 -11.28 -9.60
C ALA A 78 17.52 -11.91 -8.26
N GLN A 79 17.26 -11.21 -7.15
CA GLN A 79 17.63 -11.71 -5.85
C GLN A 79 16.49 -12.54 -5.26
N GLY A 80 15.58 -12.89 -6.10
CA GLY A 80 14.46 -13.72 -5.65
C GLY A 80 13.40 -12.99 -4.86
N ILE A 81 13.45 -11.67 -4.81
CA ILE A 81 12.44 -10.99 -4.05
C ILE A 81 11.17 -10.79 -4.86
N THR A 82 10.04 -10.86 -4.16
CA THR A 82 8.76 -10.62 -4.78
C THR A 82 8.58 -9.11 -4.79
N VAL A 83 8.60 -8.52 -5.98
CA VAL A 83 8.52 -7.08 -6.11
C VAL A 83 7.19 -6.61 -6.65
N SER A 84 6.70 -5.52 -6.06
CA SER A 84 5.48 -4.88 -6.51
C SER A 84 5.92 -3.56 -7.06
N ILE A 85 5.25 -3.14 -8.14
CA ILE A 85 5.54 -1.86 -8.73
C ILE A 85 4.44 -0.91 -8.34
N ASP A 86 4.84 0.17 -7.67
CA ASP A 86 3.89 1.18 -7.23
C ASP A 86 3.82 2.28 -8.29
N THR A 87 2.84 2.16 -9.18
CA THR A 87 2.66 3.11 -10.28
C THR A 87 1.22 3.19 -10.75
N MET A 88 0.91 4.36 -11.29
CA MET A 88 -0.37 4.67 -11.88
C MET A 88 -0.32 4.55 -13.41
N ARG A 89 0.86 4.32 -13.97
CA ARG A 89 1.08 4.21 -15.41
C ARG A 89 1.31 2.79 -15.93
N ALA A 90 0.44 2.37 -16.86
CA ALA A 90 0.51 1.04 -17.46
C ALA A 90 1.87 0.79 -18.08
N ASP A 91 2.42 1.83 -18.68
CA ASP A 91 3.72 1.73 -19.30
C ASP A 91 4.83 1.43 -18.31
N VAL A 92 4.77 2.07 -17.13
CA VAL A 92 5.84 1.81 -16.18
C VAL A 92 5.64 0.42 -15.63
N ALA A 93 4.37 0.08 -15.44
CA ALA A 93 4.05 -1.23 -14.93
C ALA A 93 4.54 -2.31 -15.86
N ARG A 94 4.25 -2.11 -17.14
CA ARG A 94 4.66 -3.11 -18.11
C ARG A 94 6.16 -3.28 -18.07
N ALA A 95 6.87 -2.14 -18.05
CA ALA A 95 8.31 -2.20 -17.97
C ALA A 95 8.71 -2.96 -16.73
N ALA A 96 8.01 -2.66 -15.62
CA ALA A 96 8.36 -3.35 -14.37
C ALA A 96 8.20 -4.85 -14.49
N LEU A 97 7.09 -5.21 -15.05
CA LEU A 97 6.82 -6.62 -15.23
C LEU A 97 7.87 -7.30 -16.14
N GLN A 98 8.22 -6.62 -17.23
CA GLN A 98 9.20 -7.18 -18.13
C GLN A 98 10.49 -7.44 -17.36
N ASN A 99 10.68 -6.69 -16.30
CA ASN A 99 11.89 -6.81 -15.55
C ASN A 99 11.78 -7.60 -14.28
N GLY A 100 10.75 -8.42 -14.10
CA GLY A 100 10.74 -9.26 -12.90
C GLY A 100 9.73 -8.96 -11.81
N ALA A 101 9.00 -7.86 -11.92
CA ALA A 101 7.99 -7.54 -10.91
C ALA A 101 6.88 -8.56 -10.96
N GLN A 102 6.24 -8.79 -9.80
CA GLN A 102 5.18 -9.78 -9.73
C GLN A 102 3.84 -9.25 -9.26
N MET A 103 3.72 -7.95 -9.12
CA MET A 103 2.48 -7.37 -8.66
C MET A 103 2.45 -5.93 -9.07
N VAL A 104 1.25 -5.44 -9.30
CA VAL A 104 1.10 -4.05 -9.62
C VAL A 104 0.28 -3.40 -8.51
N ASN A 105 0.82 -2.30 -7.96
CA ASN A 105 0.19 -1.55 -6.89
C ASN A 105 -0.29 -0.24 -7.47
N ASP A 106 -1.57 -0.11 -7.72
CA ASP A 106 -2.03 1.11 -8.38
C ASP A 106 -2.82 2.05 -7.50
N VAL A 107 -2.21 3.19 -7.20
CA VAL A 107 -2.91 4.12 -6.32
C VAL A 107 -4.20 4.69 -6.91
N SER A 108 -4.32 4.60 -8.24
CA SER A 108 -5.50 5.12 -8.89
C SER A 108 -6.58 4.05 -8.99
N GLY A 109 -6.29 2.81 -8.59
CA GLY A 109 -7.30 1.77 -8.68
C GLY A 109 -7.70 1.47 -10.15
N GLY A 110 -6.81 1.81 -11.07
CA GLY A 110 -7.06 1.56 -12.49
C GLY A 110 -7.64 2.76 -13.26
N ARG A 111 -8.02 3.80 -12.50
CA ARG A 111 -8.63 5.00 -13.01
C ARG A 111 -7.71 5.98 -13.69
N ALA A 112 -6.41 5.88 -13.47
CA ALA A 112 -5.58 6.85 -14.15
C ALA A 112 -5.25 6.39 -15.54
N ASP A 113 -5.15 5.07 -15.71
CA ASP A 113 -4.73 4.49 -16.97
C ASP A 113 -5.58 3.35 -17.50
N PRO A 114 -6.31 3.71 -18.55
CA PRO A 114 -7.19 2.78 -19.20
C PRO A 114 -6.42 1.57 -19.69
N ALA A 115 -5.11 1.69 -19.95
CA ALA A 115 -4.36 0.53 -20.43
C ALA A 115 -4.02 -0.42 -19.29
N MET A 116 -4.09 0.08 -18.04
CA MET A 116 -3.75 -0.74 -16.87
C MET A 116 -4.54 -2.06 -16.76
N GLY A 117 -5.87 -2.00 -16.77
CA GLY A 117 -6.61 -3.25 -16.65
C GLY A 117 -6.21 -4.34 -17.66
N PRO A 118 -6.16 -3.96 -18.95
CA PRO A 118 -5.79 -4.89 -20.00
C PRO A 118 -4.40 -5.45 -19.78
N LEU A 119 -3.51 -4.62 -19.28
CA LEU A 119 -2.18 -5.09 -18.98
C LEU A 119 -2.24 -6.19 -17.91
N LEU A 120 -3.03 -5.94 -16.86
CA LEU A 120 -3.16 -6.89 -15.75
C LEU A 120 -3.84 -8.18 -16.20
N ALA A 121 -4.75 -8.02 -17.16
CA ALA A 121 -5.45 -9.16 -17.71
C ALA A 121 -4.42 -9.95 -18.53
N GLU A 122 -3.51 -9.24 -19.18
CA GLU A 122 -2.51 -9.92 -19.95
C GLU A 122 -1.52 -10.65 -19.08
N ALA A 123 -1.06 -9.92 -18.07
CA ALA A 123 -0.05 -10.46 -17.15
C ALA A 123 -0.51 -11.48 -16.13
N ASP A 124 -1.76 -11.41 -15.69
CA ASP A 124 -2.26 -12.34 -14.67
C ASP A 124 -1.45 -12.36 -13.38
N VAL A 125 -1.13 -11.18 -12.87
CA VAL A 125 -0.38 -11.06 -11.61
C VAL A 125 -1.29 -10.26 -10.69
N PRO A 126 -1.02 -10.24 -9.39
CA PRO A 126 -1.86 -9.47 -8.47
C PRO A 126 -1.87 -7.98 -8.77
N TRP A 127 -3.03 -7.39 -8.56
CA TRP A 127 -3.23 -5.99 -8.79
C TRP A 127 -3.83 -5.33 -7.56
N VAL A 128 -3.14 -4.33 -7.00
CA VAL A 128 -3.73 -3.66 -5.86
C VAL A 128 -4.52 -2.46 -6.38
N LEU A 129 -5.83 -2.44 -6.06
CA LEU A 129 -6.75 -1.35 -6.43
C LEU A 129 -6.90 -0.47 -5.19
N MET A 130 -6.18 0.63 -5.18
CA MET A 130 -6.27 1.48 -4.03
C MET A 130 -7.39 2.47 -4.20
N HIS A 131 -8.08 2.79 -3.11
CA HIS A 131 -9.18 3.75 -3.19
C HIS A 131 -8.70 5.18 -3.12
N TRP A 132 -9.11 5.96 -4.13
CA TRP A 132 -8.72 7.35 -4.14
C TRP A 132 -9.71 8.06 -5.05
N ARG A 133 -10.72 8.58 -4.39
N ARG A 133 -10.83 8.59 -4.57
CA ARG A 133 -11.77 9.31 -5.05
CA ARG A 133 -11.75 9.22 -5.53
C ARG A 133 -11.65 10.80 -4.79
C ARG A 133 -12.04 10.69 -5.25
N ALA A 134 -11.17 11.53 -5.78
CA ALA A 134 -11.12 12.95 -5.61
C ALA A 134 -12.36 13.65 -6.16
N VAL A 135 -12.65 14.82 -5.62
CA VAL A 135 -13.76 15.58 -6.11
C VAL A 135 -13.47 15.92 -7.55
N SER A 136 -12.21 16.27 -7.78
CA SER A 136 -11.75 16.64 -9.10
C SER A 136 -10.31 16.25 -9.34
N ALA A 137 -9.97 16.24 -10.63
CA ALA A 137 -8.63 15.91 -11.06
C ALA A 137 -7.58 16.94 -10.59
N ASP A 138 -7.97 18.23 -10.58
CA ASP A 138 -7.05 19.28 -10.16
C ASP A 138 -6.94 19.44 -8.64
N THR A 139 -7.73 18.66 -7.91
CA THR A 139 -7.77 18.70 -6.44
C THR A 139 -7.68 17.31 -5.81
N PRO A 140 -6.77 16.47 -6.32
CA PRO A 140 -6.60 15.11 -5.82
C PRO A 140 -6.40 15.00 -4.31
N HIS A 141 -5.84 16.03 -3.67
CA HIS A 141 -5.58 15.98 -2.23
C HIS A 141 -6.57 16.68 -1.30
N VAL A 142 -7.54 17.32 -1.88
CA VAL A 142 -8.53 17.98 -1.05
C VAL A 142 -9.37 16.89 -0.48
N PRO A 143 -9.55 16.83 0.83
CA PRO A 143 -10.33 15.70 1.32
C PRO A 143 -11.77 15.74 0.89
N VAL A 144 -12.27 14.56 0.52
CA VAL A 144 -13.65 14.46 0.09
C VAL A 144 -14.58 14.52 1.31
N ARG A 145 -15.65 15.27 1.19
CA ARG A 145 -16.62 15.37 2.26
C ARG A 145 -17.59 14.18 2.19
N TYR A 146 -17.24 13.11 2.89
CA TYR A 146 -18.04 11.89 2.91
C TYR A 146 -19.23 11.91 3.85
N GLY A 147 -20.34 11.30 3.40
CA GLY A 147 -21.52 11.15 4.25
C GLY A 147 -21.31 9.86 5.06
N ASN A 148 -20.76 8.86 4.40
CA ASN A 148 -20.49 7.59 5.06
C ASN A 148 -19.30 6.99 4.33
N VAL A 149 -18.13 7.40 4.80
CA VAL A 149 -16.87 7.00 4.18
C VAL A 149 -16.69 5.50 4.00
N VAL A 150 -17.07 4.75 5.04
CA VAL A 150 -16.95 3.31 4.94
C VAL A 150 -17.76 2.78 3.77
N ALA A 151 -19.03 3.14 3.76
CA ALA A 151 -19.91 2.71 2.68
C ALA A 151 -19.49 3.21 1.29
N GLU A 152 -19.02 4.45 1.23
CA GLU A 152 -18.61 5.01 -0.06
C GLU A 152 -17.35 4.36 -0.54
N VAL A 153 -16.41 4.19 0.37
CA VAL A 153 -15.21 3.55 -0.03
C VAL A 153 -15.47 2.12 -0.54
N ARG A 154 -16.29 1.38 0.17
CA ARG A 154 -16.60 0.04 -0.22
C ARG A 154 -17.22 0.03 -1.61
N ALA A 155 -18.26 0.82 -1.80
CA ALA A 155 -18.91 0.85 -3.09
C ALA A 155 -17.94 1.20 -4.20
N ASP A 156 -17.07 2.15 -3.94
CA ASP A 156 -16.11 2.55 -4.94
C ASP A 156 -15.16 1.41 -5.29
N LEU A 157 -14.67 0.76 -4.27
CA LEU A 157 -13.76 -0.33 -4.53
C LEU A 157 -14.42 -1.45 -5.32
N LEU A 158 -15.65 -1.82 -4.97
CA LEU A 158 -16.35 -2.88 -5.68
C LEU A 158 -16.59 -2.49 -7.14
N ALA A 159 -16.81 -1.21 -7.37
CA ALA A 159 -16.97 -0.81 -8.74
C ALA A 159 -15.65 -0.96 -9.49
N SER A 160 -14.53 -0.66 -8.82
CA SER A 160 -13.23 -0.80 -9.45
C SER A 160 -12.93 -2.27 -9.73
N VAL A 161 -13.45 -3.12 -8.86
CA VAL A 161 -13.28 -4.55 -9.07
C VAL A 161 -14.04 -4.88 -10.36
N ALA A 162 -15.33 -4.54 -10.43
CA ALA A 162 -16.11 -4.78 -11.62
C ALA A 162 -15.37 -4.33 -12.87
N ASP A 163 -14.76 -3.15 -12.79
CA ASP A 163 -14.01 -2.59 -13.92
C ASP A 163 -12.87 -3.50 -14.33
N ALA A 164 -12.10 -3.96 -13.34
CA ALA A 164 -10.98 -4.83 -13.60
C ALA A 164 -11.44 -6.16 -14.21
N VAL A 165 -12.48 -6.71 -13.65
CA VAL A 165 -13.00 -7.97 -14.10
C VAL A 165 -13.43 -7.88 -15.54
N ALA A 166 -14.14 -6.82 -15.80
CA ALA A 166 -14.62 -6.61 -17.13
C ALA A 166 -13.49 -6.59 -18.12
N ALA A 167 -12.27 -6.25 -17.65
CA ALA A 167 -11.08 -6.18 -18.50
C ALA A 167 -10.43 -7.55 -18.68
N GLY A 168 -10.99 -8.58 -18.03
CA GLY A 168 -10.39 -9.89 -18.16
C GLY A 168 -9.52 -10.27 -16.98
N VAL A 169 -9.51 -9.43 -15.96
CA VAL A 169 -8.70 -9.79 -14.82
C VAL A 169 -9.42 -10.79 -13.94
N ASP A 170 -8.70 -11.81 -13.47
CA ASP A 170 -9.31 -12.76 -12.56
C ASP A 170 -9.39 -12.06 -11.20
N PRO A 171 -10.57 -12.09 -10.62
CA PRO A 171 -10.80 -11.46 -9.34
C PRO A 171 -9.86 -11.92 -8.27
N ALA A 172 -9.43 -13.16 -8.40
CA ALA A 172 -8.58 -13.79 -7.43
C ALA A 172 -7.25 -13.10 -7.32
N ARG A 173 -6.98 -12.28 -8.33
CA ARG A 173 -5.71 -11.59 -8.32
C ARG A 173 -5.83 -10.22 -7.71
N LEU A 174 -7.05 -9.81 -7.42
CA LEU A 174 -7.24 -8.48 -6.90
C LEU A 174 -7.01 -8.30 -5.42
N VAL A 175 -6.57 -7.09 -5.06
CA VAL A 175 -6.35 -6.73 -3.67
C VAL A 175 -6.96 -5.36 -3.48
N LEU A 176 -7.74 -5.18 -2.42
CA LEU A 176 -8.33 -3.89 -2.15
C LEU A 176 -7.48 -3.17 -1.13
N ASP A 177 -7.49 -1.85 -1.25
CA ASP A 177 -6.81 -0.95 -0.34
C ASP A 177 -7.65 0.32 -0.23
N PRO A 178 -8.06 0.64 1.01
CA PRO A 178 -8.90 1.81 1.27
C PRO A 178 -8.21 3.13 1.02
N GLY A 179 -6.90 3.14 0.74
CA GLY A 179 -6.21 4.41 0.45
C GLY A 179 -6.24 5.39 1.62
N LEU A 180 -5.71 4.97 2.75
CA LEU A 180 -5.73 5.88 3.87
C LEU A 180 -5.03 7.20 3.59
N GLY A 181 -5.69 8.28 4.01
CA GLY A 181 -5.19 9.63 3.86
C GLY A 181 -5.26 10.19 2.45
N PHE A 182 -5.73 9.42 1.48
CA PHE A 182 -5.80 9.99 0.13
C PHE A 182 -7.16 10.67 -0.06
N ALA A 183 -7.18 11.99 0.00
CA ALA A 183 -8.41 12.74 -0.09
C ALA A 183 -9.33 12.33 1.06
N LYS A 184 -8.69 12.01 2.20
CA LYS A 184 -9.37 11.57 3.42
C LYS A 184 -8.75 12.21 4.65
N THR A 185 -9.59 12.50 5.65
CA THR A 185 -9.13 13.07 6.91
C THR A 185 -8.69 11.97 7.84
N ALA A 186 -8.08 12.37 8.95
CA ALA A 186 -7.71 11.41 9.97
C ALA A 186 -8.97 10.70 10.46
N GLN A 187 -10.07 11.48 10.65
CA GLN A 187 -11.32 10.89 11.11
C GLN A 187 -11.83 9.82 10.14
N HIS A 188 -11.75 10.10 8.84
CA HIS A 188 -12.17 9.10 7.85
C HIS A 188 -11.32 7.86 8.02
N ASN A 189 -10.02 8.10 8.21
CA ASN A 189 -9.05 7.01 8.35
C ASN A 189 -9.43 6.07 9.48
N TRP A 190 -9.68 6.67 10.64
CA TRP A 190 -10.04 5.88 11.82
C TRP A 190 -11.34 5.13 11.61
N ALA A 191 -12.27 5.77 10.90
CA ALA A 191 -13.56 5.15 10.61
C ALA A 191 -13.40 3.92 9.74
N ILE A 192 -12.53 4.06 8.76
CA ILE A 192 -12.26 2.94 7.85
C ILE A 192 -11.62 1.80 8.60
N LEU A 193 -10.64 2.11 9.45
CA LEU A 193 -10.00 1.04 10.22
C LEU A 193 -10.94 0.36 11.18
N HIS A 194 -11.72 1.16 11.88
CA HIS A 194 -12.68 0.56 12.78
C HIS A 194 -13.59 -0.43 12.05
N ALA A 195 -14.02 -0.10 10.84
CA ALA A 195 -14.90 -0.96 10.06
C ALA A 195 -14.09 -1.87 9.14
N LEU A 196 -12.85 -2.13 9.52
CA LEU A 196 -12.08 -2.99 8.65
C LEU A 196 -12.74 -4.31 8.34
N PRO A 197 -13.38 -4.91 9.34
CA PRO A 197 -14.02 -6.20 9.10
C PRO A 197 -15.08 -6.17 8.02
N GLU A 198 -15.78 -5.06 7.87
CA GLU A 198 -16.77 -4.95 6.79
C GLU A 198 -16.09 -5.01 5.41
N LEU A 199 -14.90 -4.44 5.26
CA LEU A 199 -14.23 -4.47 3.97
C LEU A 199 -13.69 -5.86 3.75
N VAL A 200 -13.15 -6.42 4.83
CA VAL A 200 -12.61 -7.76 4.77
C VAL A 200 -13.71 -8.74 4.30
N ALA A 201 -14.94 -8.50 4.74
CA ALA A 201 -16.12 -9.29 4.40
C ALA A 201 -16.45 -9.30 2.91
N THR A 202 -15.84 -8.43 2.12
CA THR A 202 -16.12 -8.44 0.70
C THR A 202 -15.54 -9.73 0.15
N GLY A 203 -14.70 -10.37 0.94
CA GLY A 203 -14.09 -11.60 0.47
C GLY A 203 -12.90 -11.33 -0.45
N ILE A 204 -12.57 -10.08 -0.69
CA ILE A 204 -11.41 -9.76 -1.51
C ILE A 204 -10.33 -9.32 -0.55
N PRO A 205 -9.12 -9.82 -0.72
CA PRO A 205 -8.05 -9.46 0.21
C PRO A 205 -7.88 -7.96 0.40
N VAL A 206 -7.69 -7.54 1.66
CA VAL A 206 -7.48 -6.12 1.97
C VAL A 206 -6.07 -5.80 2.45
N LEU A 207 -5.50 -4.75 1.85
CA LEU A 207 -4.17 -4.28 2.19
C LEU A 207 -4.36 -2.95 2.90
N VAL A 208 -3.65 -2.76 4.01
CA VAL A 208 -3.73 -1.52 4.79
C VAL A 208 -2.44 -0.73 4.66
N GLY A 209 -2.53 0.54 4.26
CA GLY A 209 -1.33 1.33 4.14
C GLY A 209 -1.41 2.56 5.02
N ALA A 210 -1.17 2.38 6.30
CA ALA A 210 -1.22 3.53 7.20
C ALA A 210 0.14 4.12 7.54
N SER A 211 1.18 3.29 7.33
CA SER A 211 2.55 3.59 7.67
C SER A 211 3.03 5.02 7.62
N ARG A 212 3.33 5.59 8.79
CA ARG A 212 3.86 6.94 8.91
C ARG A 212 3.04 8.06 8.34
N LYS A 213 1.79 7.79 7.99
CA LYS A 213 0.99 8.82 7.38
C LYS A 213 0.68 9.97 8.32
N ARG A 214 0.28 11.10 7.74
CA ARG A 214 -0.04 12.33 8.48
C ARG A 214 -0.92 12.09 9.68
N PHE A 215 -1.99 11.32 9.49
CA PHE A 215 -2.91 11.07 10.59
C PHE A 215 -2.20 10.60 11.86
N LEU A 216 -1.11 9.87 11.70
CA LEU A 216 -0.38 9.36 12.83
C LEU A 216 0.46 10.47 13.43
N GLY A 217 0.95 11.35 12.56
CA GLY A 217 1.74 12.48 13.06
C GLY A 217 0.89 13.34 13.99
N ALA A 218 -0.38 13.46 13.60
CA ALA A 218 -1.41 14.24 14.31
C ALA A 218 -1.87 13.54 15.61
N LEU A 219 -2.13 12.25 15.48
CA LEU A 219 -2.53 11.47 16.62
C LEU A 219 -1.50 11.62 17.73
N LEU A 220 -0.23 11.54 17.33
CA LEU A 220 0.88 11.59 18.28
C LEU A 220 1.55 12.94 18.46
N ALA A 221 0.83 14.00 18.14
CA ALA A 221 1.45 15.32 18.27
C ALA A 221 1.94 15.56 19.67
N GLY A 222 3.04 16.31 19.77
CA GLY A 222 3.69 16.68 21.04
C GLY A 222 2.83 17.60 21.91
N PRO A 223 3.29 17.85 23.12
CA PRO A 223 2.54 18.69 24.03
C PRO A 223 2.16 19.99 23.35
N ASP A 224 3.16 20.57 22.67
CA ASP A 224 3.04 21.82 21.93
C ASP A 224 1.91 21.77 20.91
N GLY A 225 1.94 20.72 20.12
CA GLY A 225 0.94 20.54 19.09
C GLY A 225 1.67 20.22 17.80
N VAL A 226 2.98 20.05 17.94
CA VAL A 226 3.84 19.72 16.83
C VAL A 226 3.76 18.21 16.57
N MET A 227 3.51 17.89 15.32
CA MET A 227 3.34 16.51 14.89
C MET A 227 4.54 15.65 15.20
N ARG A 228 4.25 14.39 15.48
CA ARG A 228 5.32 13.44 15.72
C ARG A 228 6.07 13.32 14.40
N PRO A 229 7.40 13.29 14.39
CA PRO A 229 8.15 13.13 13.15
C PRO A 229 7.88 11.80 12.54
N THR A 230 8.10 11.72 11.21
CA THR A 230 7.83 10.50 10.48
C THR A 230 8.43 9.27 11.12
N ASP A 231 9.69 9.37 11.45
CA ASP A 231 10.42 8.28 12.05
C ASP A 231 9.83 7.86 13.39
N GLY A 232 9.07 8.74 14.04
CA GLY A 232 8.48 8.44 15.32
C GLY A 232 7.09 7.85 15.20
N ARG A 233 6.66 7.54 13.98
CA ARG A 233 5.33 6.99 13.81
C ARG A 233 5.34 5.49 13.62
N ASP A 234 6.49 4.85 13.79
CA ASP A 234 6.52 3.41 13.58
C ASP A 234 5.80 2.57 14.62
N THR A 235 5.88 2.94 15.90
CA THR A 235 5.18 2.13 16.88
C THR A 235 3.69 2.12 16.56
N ALA A 236 3.14 3.30 16.33
CA ALA A 236 1.72 3.42 15.97
C ALA A 236 1.41 2.58 14.73
N THR A 237 2.32 2.66 13.75
CA THR A 237 2.16 1.89 12.53
C THR A 237 2.13 0.39 12.85
N ALA A 238 3.07 -0.05 13.70
CA ALA A 238 3.16 -1.44 14.10
C ALA A 238 1.88 -1.92 14.81
N VAL A 239 1.32 -1.05 15.64
CA VAL A 239 0.09 -1.35 16.36
C VAL A 239 -1.05 -1.47 15.38
N ILE A 240 -1.06 -0.61 14.38
CA ILE A 240 -2.10 -0.72 13.36
C ILE A 240 -1.93 -2.06 12.64
N SER A 241 -0.69 -2.52 12.47
CA SER A 241 -0.47 -3.84 11.85
C SER A 241 -1.08 -4.99 12.69
N ALA A 242 -0.85 -4.94 14.01
CA ALA A 242 -1.44 -5.97 14.87
C ALA A 242 -2.97 -5.98 14.81
N LEU A 243 -3.57 -4.78 14.88
CA LEU A 243 -5.03 -4.68 14.87
C LEU A 243 -5.53 -5.15 13.51
N ALA A 244 -4.77 -4.84 12.47
CA ALA A 244 -5.18 -5.26 11.14
C ALA A 244 -5.17 -6.76 11.04
N ALA A 245 -4.13 -7.34 11.64
CA ALA A 245 -3.99 -8.78 11.67
C ALA A 245 -5.18 -9.42 12.38
N LEU A 246 -5.52 -8.84 13.53
CA LEU A 246 -6.64 -9.29 14.33
C LEU A 246 -7.99 -9.21 13.60
N HIS A 247 -8.09 -8.28 12.67
CA HIS A 247 -9.33 -8.10 11.97
C HIS A 247 -9.35 -8.66 10.55
N GLY A 248 -8.43 -9.55 10.22
CA GLY A 248 -8.54 -10.17 8.90
C GLY A 248 -7.89 -9.49 7.70
N ALA A 249 -7.13 -8.46 7.89
CA ALA A 249 -6.46 -7.86 6.76
C ALA A 249 -5.54 -8.88 6.08
N TRP A 250 -5.41 -8.75 4.76
CA TRP A 250 -4.54 -9.60 3.96
C TRP A 250 -3.08 -9.21 4.13
N GLY A 251 -2.84 -7.90 4.17
CA GLY A 251 -1.48 -7.43 4.33
C GLY A 251 -1.35 -5.99 4.82
N VAL A 252 -0.11 -5.57 5.07
CA VAL A 252 0.16 -4.22 5.52
C VAL A 252 1.35 -3.69 4.73
N ARG A 253 1.29 -2.41 4.38
CA ARG A 253 2.33 -1.77 3.59
C ARG A 253 3.03 -0.85 4.56
N VAL A 254 4.32 -1.11 4.82
CA VAL A 254 5.01 -0.31 5.83
C VAL A 254 6.44 0.08 5.48
N HIS A 255 6.93 1.12 6.17
CA HIS A 255 8.31 1.56 5.99
C HIS A 255 9.27 0.77 6.89
N ASP A 256 8.90 0.59 8.15
CA ASP A 256 9.71 -0.14 9.14
C ASP A 256 9.19 -1.55 9.24
N VAL A 257 9.82 -2.42 8.48
CA VAL A 257 9.44 -3.79 8.42
C VAL A 257 9.53 -4.52 9.76
N ARG A 258 10.69 -4.39 10.39
CA ARG A 258 10.93 -5.05 11.68
C ARG A 258 9.83 -4.78 12.66
N ALA A 259 9.50 -3.50 12.77
CA ALA A 259 8.45 -3.11 13.69
C ALA A 259 7.12 -3.83 13.43
N SER A 260 6.66 -3.84 12.18
CA SER A 260 5.41 -4.52 11.88
C SER A 260 5.53 -6.03 12.00
N VAL A 261 6.69 -6.60 11.65
CA VAL A 261 6.85 -8.04 11.78
C VAL A 261 6.83 -8.41 13.27
N ASP A 262 7.48 -7.59 14.10
CA ASP A 262 7.50 -7.80 15.54
C ASP A 262 6.07 -7.87 16.06
N ALA A 263 5.25 -6.87 15.63
CA ALA A 263 3.85 -6.78 16.04
C ALA A 263 3.07 -8.02 15.69
N ILE A 264 3.31 -8.52 14.47
CA ILE A 264 2.66 -9.70 13.96
C ILE A 264 3.05 -10.94 14.76
N LYS A 265 4.32 -11.04 15.06
CA LYS A 265 4.78 -12.16 15.87
C LYS A 265 4.07 -12.17 17.24
N VAL A 266 3.92 -10.96 17.82
CA VAL A 266 3.25 -10.85 19.11
C VAL A 266 1.80 -11.34 19.02
N VAL A 267 1.09 -10.82 18.02
CA VAL A 267 -0.30 -11.19 17.85
C VAL A 267 -0.43 -12.70 17.72
N GLU A 268 0.43 -13.28 16.91
CA GLU A 268 0.36 -14.70 16.71
C GLU A 268 0.70 -15.48 17.96
N ALA A 269 1.70 -15.00 18.70
CA ALA A 269 2.03 -15.68 19.92
C ALA A 269 0.90 -15.55 20.91
N TRP A 270 0.31 -14.38 21.03
CA TRP A 270 -0.77 -14.19 21.96
C TRP A 270 -2.01 -14.97 21.56
N MET A 271 -2.45 -14.75 20.34
CA MET A 271 -3.66 -15.42 19.86
C MET A 271 -3.57 -16.92 19.72
N GLY A 272 -2.36 -17.44 19.59
CA GLY A 272 -2.25 -18.88 19.47
C GLY A 272 -1.97 -19.58 20.80
N ALA A 273 -1.92 -18.85 21.93
CA ALA A 273 -1.58 -19.48 23.19
C ALA A 273 -2.59 -20.36 23.88
N GLU A 274 -2.99 -21.40 23.15
CA GLU A 274 -3.91 -22.45 23.56
C GLU A 274 -4.76 -22.01 24.74
MG MG B . 7.65 6.68 1.62
N5 PMM C . 0.38 5.02 0.18
C6 PMM C . 1.35 5.68 -0.40
C7 PMM C . 1.98 5.21 -1.68
N8 PMM C . 1.42 3.99 -2.24
N1 PMM C . -0.08 2.20 -2.08
C2 PMM C . -1.09 1.53 -1.41
N2 PMM C . -1.50 0.40 -2.05
N3 PMM C . -1.61 1.97 -0.27
C4 PMM C . -1.15 3.11 0.25
O4 PMM C . -1.67 3.57 1.42
C4A PMM C . -0.15 3.82 -0.37
C8A PMM C . 0.41 3.37 -1.55
C9 PMM C . 1.91 6.84 0.31
O10 PMM C . 3.09 6.21 0.82
PA PMM C . 4.28 6.91 1.54
O1P PMM C . 5.55 6.16 1.38
O2P PMM C . 3.87 7.14 2.94
O3P PMM C . 4.44 8.34 0.79
#